data_4YDG
#
_entry.id   4YDG
#
_cell.length_a   77.610
_cell.length_b   77.610
_cell.length_c   160.230
_cell.angle_alpha   90.00
_cell.angle_beta   90.00
_cell.angle_gamma   120.00
#
_symmetry.space_group_name_H-M   'P 63 2 2'
#
loop_
_entity.id
_entity.type
_entity.pdbx_description
1 polymer 'HTLV-1 protease'
2 non-polymer 'SULFATE ION'
3 non-polymer "N,N'-(3S,4S)-PYRROLIDINE-3,4-DIYLBIS(4-AMINO-N-BENZYLBENZENESULFONAMIDE)"
#
_entity_poly.entity_id   1
_entity_poly.type   'polypeptide(L)'
_entity_poly.pdbx_seq_one_letter_code
;PVIPLDPARRPVIKAQVDTQTSHPKTIEALLDTGADMTVIPIALFSSNTPLKNTSVLGAGGQTQDHFKLTSLPVLIRLPF
RTTPIVLTSCLVDTKNNWAIIGRDALQQCQGVLYLP
;
_entity_poly.pdbx_strand_id   A,B
#
# COMPACT_ATOMS: atom_id res chain seq x y z
N PRO A 1 13.58 -11.77 -6.76
CA PRO A 1 13.25 -11.06 -7.99
C PRO A 1 12.95 -9.58 -7.75
N VAL A 2 13.11 -8.77 -8.79
CA VAL A 2 12.81 -7.35 -8.71
C VAL A 2 11.45 -7.06 -9.34
N ILE A 3 10.50 -6.62 -8.52
CA ILE A 3 9.17 -6.30 -9.00
C ILE A 3 9.06 -4.83 -9.36
N PRO A 4 8.88 -4.53 -10.65
CA PRO A 4 8.70 -3.14 -11.10
C PRO A 4 7.42 -2.54 -10.55
N LEU A 5 7.40 -1.22 -10.38
CA LEU A 5 6.21 -0.56 -9.87
C LEU A 5 5.44 0.13 -10.99
N ASP A 6 4.23 -0.36 -11.22
CA ASP A 6 3.40 0.11 -12.33
C ASP A 6 1.99 0.37 -11.84
N PRO A 7 1.45 1.56 -12.14
CA PRO A 7 0.06 1.87 -11.78
C PRO A 7 -0.95 0.98 -12.51
N ALA A 8 -0.55 0.45 -13.66
CA ALA A 8 -1.42 -0.41 -14.45
C ALA A 8 -1.36 -1.85 -13.96
N ARG A 9 -0.15 -2.32 -13.65
CA ARG A 9 0.06 -3.69 -13.22
C ARG A 9 0.39 -3.78 -11.73
N ARG A 10 -0.54 -4.35 -10.97
CA ARG A 10 -0.36 -4.52 -9.53
C ARG A 10 0.81 -5.46 -9.22
N PRO A 11 1.66 -5.06 -8.25
CA PRO A 11 2.80 -5.86 -7.82
C PRO A 11 2.34 -7.06 -7.00
N VAL A 12 1.80 -8.07 -7.66
CA VAL A 12 1.28 -9.24 -6.97
C VAL A 12 2.31 -10.37 -6.90
N ILE A 13 1.98 -11.41 -6.15
CA ILE A 13 2.84 -12.57 -6.03
C ILE A 13 2.03 -13.81 -5.62
N LYS A 14 2.47 -14.98 -6.07
CA LYS A 14 1.83 -16.23 -5.69
C LYS A 14 2.41 -16.71 -4.37
N ALA A 15 1.57 -16.79 -3.34
CA ALA A 15 2.04 -17.19 -2.02
C ALA A 15 1.16 -18.26 -1.40
N GLN A 16 1.79 -19.25 -0.78
CA GLN A 16 1.06 -20.30 -0.07
C GLN A 16 0.81 -19.86 1.37
N VAL A 17 -0.46 -19.91 1.78
CA VAL A 17 -0.85 -19.46 3.11
C VAL A 17 -1.30 -20.62 4.00
N ASP A 18 -0.67 -20.73 5.17
CA ASP A 18 -1.02 -21.76 6.14
C ASP A 18 -1.73 -21.14 7.34
N THR A 19 -3.05 -21.26 7.36
CA THR A 19 -3.84 -20.68 8.44
C THR A 19 -3.92 -21.63 9.64
N GLN A 20 -3.44 -22.86 9.44
CA GLN A 20 -3.46 -23.89 10.47
C GLN A 20 -4.88 -24.23 10.94
N THR A 21 -5.86 -23.96 10.09
CA THR A 21 -7.24 -24.31 10.36
C THR A 21 -7.75 -25.15 9.19
N SER A 22 -6.99 -25.12 8.10
CA SER A 22 -7.31 -25.88 6.90
C SER A 22 -6.02 -26.20 6.16
N HIS A 23 -6.12 -26.89 5.03
CA HIS A 23 -4.95 -27.22 4.23
C HIS A 23 -4.33 -25.96 3.64
N PRO A 24 -3.00 -25.94 3.51
CA PRO A 24 -2.28 -24.79 2.94
C PRO A 24 -2.67 -24.54 1.49
N LYS A 25 -3.06 -23.31 1.18
CA LYS A 25 -3.44 -22.95 -0.18
C LYS A 25 -2.57 -21.84 -0.76
N THR A 26 -2.25 -21.97 -2.04
CA THR A 26 -1.50 -20.95 -2.77
C THR A 26 -2.47 -19.94 -3.38
N ILE A 27 -2.32 -18.69 -2.97
CA ILE A 27 -3.21 -17.63 -3.45
C ILE A 27 -2.42 -16.46 -4.01
N GLU A 28 -3.08 -15.61 -4.79
CA GLU A 28 -2.44 -14.42 -5.32
C GLU A 28 -2.62 -13.25 -4.35
N ALA A 29 -1.51 -12.78 -3.79
CA ALA A 29 -1.54 -11.70 -2.83
C ALA A 29 -0.94 -10.42 -3.40
N LEU A 30 -1.23 -9.30 -2.76
CA LEU A 30 -0.72 -8.00 -3.20
C LEU A 30 0.43 -7.53 -2.33
N LEU A 31 1.57 -7.25 -2.94
CA LEU A 31 2.71 -6.70 -2.20
C LEU A 31 2.47 -5.24 -1.88
N ASP A 32 2.22 -4.96 -0.61
CA ASP A 32 1.82 -3.63 -0.18
C ASP A 32 2.74 -3.08 0.91
N THR A 33 3.45 -2.01 0.60
CA THR A 33 4.35 -1.39 1.55
C THR A 33 3.63 -0.37 2.42
N GLY A 34 2.36 -0.13 2.11
CA GLY A 34 1.54 0.79 2.87
C GLY A 34 0.78 0.08 3.98
N ALA A 35 0.59 -1.22 3.81
CA ALA A 35 -0.11 -2.02 4.80
C ALA A 35 0.85 -2.50 5.89
N ASP A 36 0.49 -2.23 7.14
CA ASP A 36 1.31 -2.64 8.26
C ASP A 36 1.10 -4.12 8.58
N MET A 37 -0.14 -4.57 8.48
CA MET A 37 -0.49 -5.95 8.81
C MET A 37 -1.01 -6.70 7.61
N THR A 38 -0.53 -7.94 7.45
CA THR A 38 -0.92 -8.80 6.33
C THR A 38 -2.41 -9.12 6.37
N VAL A 39 -3.04 -9.11 5.20
CA VAL A 39 -4.47 -9.44 5.09
C VAL A 39 -4.66 -10.82 4.48
N ILE A 40 -5.55 -11.61 5.10
CA ILE A 40 -5.82 -12.97 4.63
C ILE A 40 -7.32 -13.17 4.38
N PRO A 41 -7.67 -13.73 3.22
CA PRO A 41 -9.07 -14.02 2.90
C PRO A 41 -9.66 -15.04 3.89
N ILE A 42 -10.93 -14.88 4.22
CA ILE A 42 -11.59 -15.79 5.16
C ILE A 42 -11.89 -17.13 4.49
N ALA A 43 -11.64 -17.21 3.18
CA ALA A 43 -11.88 -18.42 2.42
C ALA A 43 -10.83 -19.49 2.69
N LEU A 44 -9.80 -19.14 3.46
CA LEU A 44 -8.74 -20.07 3.80
C LEU A 44 -8.88 -20.60 5.22
N PHE A 45 -9.90 -20.13 5.92
CA PHE A 45 -10.16 -20.58 7.29
C PHE A 45 -11.31 -21.57 7.35
N SER A 46 -11.29 -22.43 8.36
CA SER A 46 -12.37 -23.39 8.56
C SER A 46 -13.60 -22.68 9.13
N SER A 47 -14.73 -23.36 9.07
CA SER A 47 -15.98 -22.77 9.55
C SER A 47 -16.03 -22.74 11.08
N ASN A 48 -15.13 -23.48 11.72
CA ASN A 48 -15.13 -23.61 13.17
C ASN A 48 -14.34 -22.52 13.87
N THR A 49 -13.24 -22.10 13.26
CA THR A 49 -12.25 -21.22 13.88
C THR A 49 -12.82 -19.94 14.50
N PRO A 50 -12.54 -19.71 15.79
CA PRO A 50 -12.89 -18.46 16.46
C PRO A 50 -11.91 -17.35 16.09
N LEU A 51 -12.43 -16.19 15.71
CA LEU A 51 -11.58 -15.06 15.33
C LEU A 51 -11.86 -13.84 16.19
N LYS A 52 -10.80 -13.11 16.53
CA LYS A 52 -10.92 -11.93 17.39
C LYS A 52 -11.40 -10.72 16.61
N ASN A 53 -12.55 -10.19 17.01
CA ASN A 53 -13.12 -9.01 16.35
C ASN A 53 -12.34 -7.74 16.69
N THR A 54 -12.00 -6.96 15.68
CA THR A 54 -11.28 -5.71 15.90
C THR A 54 -11.49 -4.75 14.73
N THR A 63 -13.66 1.02 9.60
CA THR A 63 -14.23 -0.31 9.42
C THR A 63 -13.93 -1.24 10.59
N GLN A 64 -14.98 -1.85 11.14
CA GLN A 64 -14.84 -2.73 12.28
C GLN A 64 -15.40 -4.12 11.97
N ASP A 65 -16.24 -4.18 10.94
CA ASP A 65 -16.94 -5.41 10.58
C ASP A 65 -16.31 -6.10 9.37
N HIS A 66 -15.70 -5.30 8.50
CA HIS A 66 -15.12 -5.82 7.26
C HIS A 66 -13.92 -6.73 7.55
N PHE A 67 -13.17 -6.40 8.61
CA PHE A 67 -11.99 -7.17 8.97
C PHE A 67 -12.11 -7.81 10.35
N LYS A 68 -11.49 -8.97 10.50
CA LYS A 68 -11.36 -9.62 11.80
C LYS A 68 -9.88 -9.84 12.08
N LEU A 69 -9.57 -10.61 13.13
CA LEU A 69 -8.18 -10.87 13.47
C LEU A 69 -7.96 -12.34 13.82
N THR A 70 -6.85 -12.90 13.34
CA THR A 70 -6.54 -14.31 13.56
C THR A 70 -6.31 -14.63 15.03
N SER A 71 -6.66 -15.85 15.42
CA SER A 71 -6.42 -16.32 16.78
C SER A 71 -5.12 -17.13 16.81
N LEU A 72 -4.80 -17.73 15.67
CA LEU A 72 -3.58 -18.52 15.55
C LEU A 72 -2.63 -17.86 14.55
N PRO A 73 -1.32 -18.06 14.73
CA PRO A 73 -0.31 -17.55 13.79
C PRO A 73 -0.51 -18.12 12.39
N VAL A 74 -0.02 -17.40 11.38
CA VAL A 74 -0.16 -17.82 9.99
C VAL A 74 1.20 -17.94 9.32
N LEU A 75 1.41 -19.05 8.61
CA LEU A 75 2.67 -19.29 7.91
C LEU A 75 2.54 -19.01 6.42
N ILE A 76 3.48 -18.25 5.88
CA ILE A 76 3.46 -17.87 4.46
C ILE A 76 4.75 -18.28 3.76
N ARG A 77 4.62 -18.98 2.64
CA ARG A 77 5.78 -19.45 1.89
C ARG A 77 5.82 -18.88 0.48
N LEU A 78 6.92 -18.22 0.15
CA LEU A 78 7.10 -17.60 -1.17
C LEU A 78 7.68 -18.62 -2.16
N PRO A 79 7.50 -18.37 -3.46
CA PRO A 79 7.98 -19.29 -4.50
C PRO A 79 9.48 -19.59 -4.43
N PHE A 80 10.27 -18.62 -3.99
CA PHE A 80 11.72 -18.78 -3.95
C PHE A 80 12.25 -19.26 -2.60
N ARG A 81 11.91 -18.54 -1.54
CA ARG A 81 12.38 -18.89 -0.19
C ARG A 81 11.80 -20.21 0.30
N THR A 82 12.63 -20.99 0.99
CA THR A 82 12.22 -22.29 1.51
C THR A 82 11.54 -22.17 2.87
N THR A 83 12.14 -21.39 3.76
CA THR A 83 11.60 -21.19 5.10
C THR A 83 10.35 -20.30 5.05
N PRO A 84 9.34 -20.64 5.85
CA PRO A 84 8.06 -19.90 5.88
C PRO A 84 8.14 -18.62 6.69
N ILE A 85 7.27 -17.67 6.38
CA ILE A 85 7.17 -16.43 7.13
C ILE A 85 6.16 -16.57 8.25
N VAL A 86 6.60 -16.36 9.48
CA VAL A 86 5.74 -16.51 10.65
C VAL A 86 5.12 -15.18 11.08
N LEU A 87 3.80 -15.12 11.07
CA LEU A 87 3.07 -13.94 11.51
C LEU A 87 2.27 -14.27 12.77
N THR A 88 2.55 -13.56 13.86
CA THR A 88 1.88 -13.81 15.13
C THR A 88 0.36 -13.64 14.99
N SER A 89 -0.04 -12.59 14.28
CA SER A 89 -1.45 -12.36 14.00
C SER A 89 -1.60 -11.48 12.76
N CYS A 90 -2.70 -11.66 12.04
CA CYS A 90 -2.94 -10.88 10.82
C CYS A 90 -4.43 -10.67 10.58
N LEU A 91 -4.75 -9.64 9.79
CA LEU A 91 -6.13 -9.29 9.49
C LEU A 91 -6.83 -10.35 8.65
N VAL A 92 -8.14 -10.51 8.88
CA VAL A 92 -8.93 -11.47 8.12
C VAL A 92 -10.04 -10.76 7.35
N ASP A 93 -9.86 -10.65 6.03
CA ASP A 93 -10.89 -10.07 5.18
C ASP A 93 -12.06 -11.04 5.05
N THR A 94 -13.22 -10.62 5.51
CA THR A 94 -14.39 -11.48 5.55
C THR A 94 -15.40 -11.15 4.46
N LYS A 95 -14.99 -10.35 3.48
CA LYS A 95 -15.91 -9.88 2.45
C LYS A 95 -15.40 -10.08 1.02
N ASN A 96 -14.24 -9.53 0.72
CA ASN A 96 -13.79 -9.45 -0.68
C ASN A 96 -12.62 -10.35 -1.07
N ASN A 97 -12.43 -11.45 -0.35
CA ASN A 97 -11.38 -12.42 -0.66
C ASN A 97 -10.00 -11.78 -0.77
N TRP A 98 -9.73 -10.81 0.11
CA TRP A 98 -8.53 -10.00 0.00
C TRP A 98 -7.29 -10.62 0.63
N ALA A 99 -6.24 -10.76 -0.18
CA ALA A 99 -4.95 -11.23 0.28
C ALA A 99 -3.90 -10.16 0.03
N ILE A 100 -3.36 -9.59 1.10
CA ILE A 100 -2.41 -8.49 0.99
C ILE A 100 -1.19 -8.69 1.88
N ILE A 101 -0.02 -8.80 1.27
CA ILE A 101 1.23 -8.95 2.01
CA ILE A 101 1.24 -8.95 2.00
C ILE A 101 1.75 -7.60 2.49
N GLY A 102 1.64 -7.36 3.80
CA GLY A 102 2.08 -6.10 4.38
C GLY A 102 3.53 -6.11 4.80
N ARG A 103 3.94 -5.05 5.49
CA ARG A 103 5.32 -4.90 5.93
C ARG A 103 5.71 -5.91 7.00
N ASP A 104 4.71 -6.43 7.71
CA ASP A 104 4.96 -7.41 8.77
C ASP A 104 5.53 -8.70 8.19
N ALA A 105 5.16 -9.01 6.96
CA ALA A 105 5.68 -10.19 6.28
C ALA A 105 6.87 -9.82 5.41
N LEU A 106 6.84 -8.61 4.87
CA LEU A 106 7.90 -8.14 3.99
C LEU A 106 9.21 -7.91 4.75
N GLN A 107 9.11 -7.73 6.06
CA GLN A 107 10.29 -7.54 6.90
C GLN A 107 11.05 -8.84 7.08
N GLN A 108 10.31 -9.93 7.22
CA GLN A 108 10.90 -11.23 7.50
C GLN A 108 11.61 -11.85 6.30
N CYS A 109 11.22 -11.42 5.10
CA CYS A 109 11.84 -11.93 3.89
C CYS A 109 12.82 -10.93 3.26
N GLN A 110 13.38 -10.07 4.11
CA GLN A 110 14.41 -9.10 3.70
C GLN A 110 13.97 -8.18 2.57
N GLY A 111 12.67 -7.91 2.48
CA GLY A 111 12.14 -7.07 1.43
C GLY A 111 12.40 -5.59 1.64
N VAL A 112 12.77 -4.89 0.56
CA VAL A 112 13.05 -3.47 0.64
C VAL A 112 12.37 -2.69 -0.48
N LEU A 113 12.54 -1.37 -0.47
CA LEU A 113 11.99 -0.51 -1.51
C LEU A 113 13.10 0.40 -2.03
N TYR A 114 13.40 0.29 -3.32
CA TYR A 114 14.52 1.04 -3.90
C TYR A 114 14.06 2.21 -4.76
N LEU A 115 14.72 3.35 -4.56
CA LEU A 115 14.45 4.55 -5.35
C LEU A 115 15.74 5.09 -5.94
N PRO A 116 15.91 4.98 -7.27
CA PRO A 116 17.10 5.46 -7.98
C PRO A 116 17.32 6.95 -7.78
N PRO B 1 17.53 5.78 -2.52
CA PRO B 1 18.04 5.10 -1.33
C PRO B 1 17.24 3.84 -1.02
N VAL B 2 17.89 2.86 -0.38
CA VAL B 2 17.22 1.63 0.01
C VAL B 2 16.36 1.85 1.24
N ILE B 3 15.05 1.69 1.08
CA ILE B 3 14.11 1.90 2.18
C ILE B 3 13.66 0.57 2.79
N PRO B 4 14.10 0.29 4.03
CA PRO B 4 13.75 -0.94 4.73
C PRO B 4 12.28 -0.95 5.14
N LEU B 5 11.70 -2.14 5.22
CA LEU B 5 10.28 -2.28 5.56
C LEU B 5 10.08 -2.83 6.97
N ASP B 6 9.21 -2.17 7.73
CA ASP B 6 8.94 -2.57 9.11
C ASP B 6 7.48 -2.24 9.46
N PRO B 7 6.76 -3.23 10.02
CA PRO B 7 5.35 -3.04 10.38
C PRO B 7 5.17 -1.98 11.46
N ALA B 8 6.19 -1.77 12.29
CA ALA B 8 6.13 -0.75 13.32
C ALA B 8 6.86 0.50 12.90
N ARG B 9 6.89 0.75 11.59
CA ARG B 9 7.60 1.90 11.04
C ARG B 9 7.07 2.24 9.65
N ARG B 10 6.19 3.24 9.57
CA ARG B 10 5.66 3.68 8.29
C ARG B 10 6.75 4.26 7.40
N PRO B 11 6.89 3.69 6.19
CA PRO B 11 7.90 4.17 5.23
C PRO B 11 7.54 5.55 4.68
N VAL B 12 7.67 6.56 5.53
CA VAL B 12 7.34 7.93 5.14
C VAL B 12 8.53 8.62 4.48
N ILE B 13 8.26 9.71 3.77
CA ILE B 13 9.32 10.47 3.11
C ILE B 13 8.93 11.94 3.04
N LYS B 14 9.92 12.81 2.91
CA LYS B 14 9.66 14.24 2.78
C LYS B 14 9.62 14.62 1.30
N ALA B 15 8.50 15.19 0.87
CA ALA B 15 8.31 15.54 -0.54
C ALA B 15 7.70 16.93 -0.70
N GLN B 16 8.14 17.64 -1.74
CA GLN B 16 7.60 18.96 -2.05
C GLN B 16 6.54 18.84 -3.14
N VAL B 17 5.31 19.21 -2.81
CA VAL B 17 4.19 19.06 -3.73
C VAL B 17 3.67 20.41 -4.25
N ASP B 18 3.60 20.53 -5.58
CA ASP B 18 3.07 21.73 -6.21
C ASP B 18 1.72 21.40 -6.84
N THR B 19 0.65 21.98 -6.29
CA THR B 19 -0.69 21.75 -6.80
C THR B 19 -1.05 22.72 -7.92
N GLN B 20 -0.13 23.65 -8.19
CA GLN B 20 -0.30 24.66 -9.23
C GLN B 20 -1.52 25.56 -9.03
N THR B 21 -1.99 25.65 -7.78
CA THR B 21 -3.09 26.55 -7.44
C THR B 21 -2.74 27.32 -6.17
N SER B 22 -1.52 27.11 -5.68
CA SER B 22 -1.03 27.78 -4.49
C SER B 22 0.48 27.70 -4.42
N HIS B 23 1.04 28.00 -3.25
CA HIS B 23 2.48 27.94 -3.04
C HIS B 23 2.91 26.48 -2.83
N PRO B 24 4.06 26.09 -3.41
CA PRO B 24 4.61 24.75 -3.22
C PRO B 24 4.91 24.46 -1.75
N LYS B 25 4.52 23.29 -1.27
CA LYS B 25 4.65 22.96 0.15
C LYS B 25 5.30 21.59 0.36
N THR B 26 5.87 21.41 1.55
CA THR B 26 6.53 20.16 1.91
C THR B 26 5.67 19.32 2.83
N ILE B 27 5.41 18.08 2.44
CA ILE B 27 4.58 17.18 3.25
C ILE B 27 5.24 15.82 3.45
N GLU B 28 4.79 15.11 4.48
CA GLU B 28 5.28 13.77 4.77
C GLU B 28 4.39 12.74 4.10
N ALA B 29 4.91 12.09 3.05
CA ALA B 29 4.12 11.16 2.27
C ALA B 29 4.47 9.70 2.56
N LEU B 30 3.45 8.84 2.51
CA LEU B 30 3.64 7.41 2.77
C LEU B 30 3.95 6.64 1.49
N LEU B 31 5.13 6.03 1.44
CA LEU B 31 5.51 5.20 0.31
C LEU B 31 4.64 3.96 0.23
N ASP B 32 3.73 3.93 -0.74
CA ASP B 32 2.76 2.86 -0.85
C ASP B 32 2.80 2.19 -2.21
N THR B 33 3.10 0.89 -2.22
CA THR B 33 3.17 0.12 -3.46
C THR B 33 1.84 -0.56 -3.77
N GLY B 34 0.88 -0.41 -2.86
CA GLY B 34 -0.44 -0.96 -3.06
C GLY B 34 -1.40 0.09 -3.58
N ALA B 35 -0.90 1.31 -3.72
CA ALA B 35 -1.72 2.43 -4.21
C ALA B 35 -1.43 2.70 -5.69
N ASP B 36 -2.46 2.56 -6.52
CA ASP B 36 -2.31 2.77 -7.96
C ASP B 36 -2.32 4.25 -8.33
N MET B 37 -2.75 5.10 -7.41
CA MET B 37 -2.77 6.54 -7.65
C MET B 37 -2.43 7.33 -6.39
N THR B 38 -1.60 8.36 -6.55
CA THR B 38 -1.14 9.19 -5.45
C THR B 38 -2.27 9.98 -4.78
N VAL B 39 -2.27 10.01 -3.46
CA VAL B 39 -3.25 10.78 -2.70
C VAL B 39 -2.57 11.92 -1.94
N ILE B 40 -3.09 13.13 -2.13
CA ILE B 40 -2.55 14.32 -1.47
C ILE B 40 -3.64 15.05 -0.67
N PRO B 41 -3.25 15.76 0.40
CA PRO B 41 -4.24 16.46 1.24
C PRO B 41 -4.92 17.60 0.50
N ILE B 42 -6.10 18.00 0.98
CA ILE B 42 -6.82 19.14 0.41
C ILE B 42 -6.34 20.42 1.08
N ALA B 43 -5.44 20.28 2.05
CA ALA B 43 -4.86 21.43 2.75
C ALA B 43 -3.79 22.11 1.90
N LEU B 44 -3.45 21.50 0.77
CA LEU B 44 -2.45 22.06 -0.14
C LEU B 44 -3.08 22.97 -1.17
N PHE B 45 -4.37 22.76 -1.44
CA PHE B 45 -5.08 23.53 -2.46
C PHE B 45 -5.66 24.83 -1.92
N SER B 46 -6.13 25.67 -2.82
CA SER B 46 -6.68 26.97 -2.46
C SER B 46 -8.12 26.85 -1.95
N SER B 47 -8.91 27.89 -2.21
CA SER B 47 -10.31 27.92 -1.77
C SER B 47 -11.30 27.64 -2.89
N ASN B 48 -11.03 28.17 -4.08
CA ASN B 48 -11.92 28.01 -5.23
C ASN B 48 -12.00 26.56 -5.72
N THR B 49 -10.83 25.98 -6.01
CA THR B 49 -10.60 24.53 -6.29
C THR B 49 -10.76 23.98 -7.72
N PRO B 50 -11.96 24.13 -8.32
CA PRO B 50 -12.57 23.13 -9.18
C PRO B 50 -11.95 21.72 -9.12
N LEU B 51 -12.55 20.86 -8.31
CA LEU B 51 -12.14 19.46 -8.21
C LEU B 51 -13.30 18.55 -8.58
N LYS B 52 -13.00 17.44 -9.24
CA LYS B 52 -14.04 16.54 -9.73
C LYS B 52 -14.41 15.49 -8.69
N ASN B 53 -15.67 15.08 -8.67
CA ASN B 53 -16.11 13.99 -7.81
C ASN B 53 -15.62 12.66 -8.37
N THR B 54 -15.32 11.72 -7.49
CA THR B 54 -14.79 10.42 -7.92
C THR B 54 -15.13 9.29 -6.95
N SER B 55 -14.95 8.06 -7.42
CA SER B 55 -15.20 6.88 -6.60
C SER B 55 -13.91 6.06 -6.44
N VAL B 56 -13.53 5.82 -5.19
CA VAL B 56 -12.28 5.14 -4.88
C VAL B 56 -12.49 3.98 -3.91
N LEU B 57 -11.85 2.85 -4.20
CA LEU B 57 -11.96 1.67 -3.35
C LEU B 57 -10.97 1.73 -2.19
N THR B 63 -15.86 4.38 -1.53
CA THR B 63 -16.27 5.67 -1.00
C THR B 63 -16.49 6.71 -2.11
N GLN B 64 -17.66 7.33 -2.10
CA GLN B 64 -18.02 8.29 -3.13
C GLN B 64 -17.77 9.72 -2.67
N ASP B 65 -17.49 9.88 -1.38
CA ASP B 65 -17.45 11.20 -0.75
C ASP B 65 -16.08 11.62 -0.25
N HIS B 66 -15.20 10.65 0.02
CA HIS B 66 -13.91 10.94 0.63
C HIS B 66 -12.91 11.62 -0.31
N PHE B 67 -12.74 11.06 -1.51
CA PHE B 67 -11.71 11.54 -2.42
C PHE B 67 -12.24 12.42 -3.55
N LYS B 68 -11.38 13.30 -4.05
CA LYS B 68 -11.69 14.15 -5.19
C LYS B 68 -10.53 14.09 -6.19
N LEU B 69 -10.79 14.46 -7.43
CA LEU B 69 -9.78 14.35 -8.49
C LEU B 69 -9.31 15.71 -8.98
N THR B 70 -7.99 15.84 -9.17
CA THR B 70 -7.40 17.09 -9.64
C THR B 70 -7.71 17.36 -11.09
N SER B 71 -7.96 18.62 -11.42
CA SER B 71 -8.20 19.03 -12.79
C SER B 71 -6.89 19.37 -13.48
N LEU B 72 -5.88 19.71 -12.67
CA LEU B 72 -4.57 20.07 -13.18
C LEU B 72 -3.49 19.13 -12.63
N PRO B 73 -2.42 18.93 -13.42
CA PRO B 73 -1.29 18.08 -13.01
C PRO B 73 -0.65 18.56 -11.71
N VAL B 74 0.13 17.66 -11.08
CA VAL B 74 0.77 17.96 -9.80
C VAL B 74 2.27 17.73 -9.89
N LEU B 75 3.05 18.73 -9.50
CA LEU B 75 4.50 18.63 -9.50
C LEU B 75 5.01 18.16 -8.13
N ILE B 76 5.64 16.99 -8.11
CA ILE B 76 6.17 16.44 -6.87
C ILE B 76 7.69 16.26 -6.93
N ARG B 77 8.38 16.83 -5.93
CA ARG B 77 9.83 16.79 -5.90
C ARG B 77 10.36 16.00 -4.71
N LEU B 78 11.34 15.15 -4.98
CA LEU B 78 11.93 14.29 -3.96
C LEU B 78 13.30 14.83 -3.54
N PRO B 79 13.76 14.49 -2.33
CA PRO B 79 15.04 14.99 -1.79
C PRO B 79 16.23 14.68 -2.69
N PHE B 80 16.36 13.44 -3.13
CA PHE B 80 17.51 13.03 -3.94
C PHE B 80 17.51 13.65 -5.34
N ARG B 81 16.61 13.17 -6.20
CA ARG B 81 16.55 13.66 -7.58
C ARG B 81 16.10 15.12 -7.66
N THR B 82 16.68 15.85 -8.61
CA THR B 82 16.38 17.27 -8.78
C THR B 82 15.13 17.48 -9.64
N THR B 83 14.94 16.63 -10.63
CA THR B 83 13.78 16.72 -11.52
C THR B 83 12.51 16.25 -10.83
N PRO B 84 11.41 16.98 -11.04
CA PRO B 84 10.13 16.69 -10.37
C PRO B 84 9.35 15.55 -11.04
N ILE B 85 8.40 14.99 -10.30
CA ILE B 85 7.51 13.97 -10.83
C ILE B 85 6.21 14.63 -11.28
N VAL B 86 5.88 14.49 -12.55
CA VAL B 86 4.70 15.15 -13.11
C VAL B 86 3.53 14.19 -13.29
N LEU B 87 2.66 14.14 -12.28
CA LEU B 87 1.45 13.34 -12.36
C LEU B 87 0.41 14.11 -13.15
N THR B 88 -0.22 13.46 -14.12
CA THR B 88 -1.27 14.09 -14.91
C THR B 88 -2.46 14.41 -14.01
N SER B 89 -2.72 13.53 -13.05
CA SER B 89 -3.78 13.72 -12.07
C SER B 89 -3.56 12.82 -10.87
N CYS B 90 -4.07 13.23 -9.71
CA CYS B 90 -3.97 12.42 -8.50
C CYS B 90 -5.13 12.70 -7.55
N LEU B 91 -5.35 11.77 -6.62
CA LEU B 91 -6.47 11.88 -5.69
C LEU B 91 -6.24 12.95 -4.64
N VAL B 92 -7.34 13.55 -4.17
CA VAL B 92 -7.28 14.55 -3.11
C VAL B 92 -8.12 14.13 -1.91
N ASP B 93 -7.45 13.89 -0.79
CA ASP B 93 -8.13 13.49 0.44
C ASP B 93 -8.82 14.69 1.07
N THR B 94 -10.15 14.62 1.15
CA THR B 94 -10.94 15.74 1.67
C THR B 94 -11.32 15.55 3.14
N LYS B 95 -11.62 14.32 3.52
CA LYS B 95 -11.99 14.02 4.91
C LYS B 95 -10.80 14.24 5.83
N ASN B 96 -9.82 13.34 5.75
CA ASN B 96 -8.57 13.51 6.49
C ASN B 96 -7.61 14.38 5.68
N ASN B 97 -6.32 14.13 5.86
CA ASN B 97 -5.29 14.85 5.10
C ASN B 97 -4.05 13.97 4.89
N TRP B 98 -4.27 12.77 4.38
CA TRP B 98 -3.18 11.84 4.12
C TRP B 98 -2.28 12.30 2.99
N ALA B 99 -1.08 11.73 2.94
CA ALA B 99 -0.16 11.95 1.83
C ALA B 99 0.40 10.59 1.44
N ILE B 100 0.00 10.11 0.27
CA ILE B 100 0.35 8.75 -0.13
C ILE B 100 0.97 8.70 -1.51
N ILE B 101 2.24 8.29 -1.58
CA ILE B 101 2.93 8.12 -2.86
C ILE B 101 2.49 6.81 -3.50
N GLY B 102 1.72 6.92 -4.58
CA GLY B 102 1.23 5.74 -5.29
C GLY B 102 2.25 5.20 -6.28
N ARG B 103 1.85 4.18 -7.03
CA ARG B 103 2.74 3.57 -8.01
C ARG B 103 2.88 4.46 -9.25
N ASP B 104 1.93 5.37 -9.44
CA ASP B 104 1.97 6.29 -10.56
C ASP B 104 3.13 7.27 -10.43
N ALA B 105 3.52 7.55 -9.18
CA ALA B 105 4.65 8.43 -8.91
C ALA B 105 5.95 7.63 -8.82
N LEU B 106 5.85 6.42 -8.29
CA LEU B 106 7.01 5.57 -8.11
C LEU B 106 7.55 5.04 -9.44
N GLN B 107 6.69 5.03 -10.46
CA GLN B 107 7.07 4.54 -11.77
C GLN B 107 7.98 5.54 -12.50
N GLN B 108 7.63 6.81 -12.39
CA GLN B 108 8.37 7.86 -13.08
C GLN B 108 9.76 8.05 -12.51
N CYS B 109 9.93 7.72 -11.23
CA CYS B 109 11.24 7.75 -10.60
C CYS B 109 11.86 6.36 -10.58
N GLN B 110 11.20 5.42 -11.27
CA GLN B 110 11.70 4.07 -11.47
C GLN B 110 11.91 3.29 -10.17
N GLY B 111 10.98 3.43 -9.23
CA GLY B 111 11.03 2.69 -7.99
C GLY B 111 10.68 1.24 -8.19
N VAL B 112 11.28 0.35 -7.38
CA VAL B 112 11.05 -1.08 -7.51
C VAL B 112 10.93 -1.77 -6.16
N LEU B 113 10.33 -2.95 -6.16
CA LEU B 113 10.25 -3.79 -4.97
C LEU B 113 11.19 -4.98 -5.09
N TYR B 114 12.24 -4.99 -4.29
CA TYR B 114 13.22 -6.07 -4.34
C TYR B 114 13.00 -7.09 -3.23
N LEU B 115 12.80 -8.34 -3.63
CA LEU B 115 12.62 -9.44 -2.69
C LEU B 115 13.72 -10.49 -2.89
N PRO B 116 14.61 -10.64 -1.90
CA PRO B 116 15.70 -11.61 -1.97
C PRO B 116 15.18 -13.04 -2.07
#